data_8B8W
#
_entry.id   8B8W
#
_cell.length_a   59.480
_cell.length_b   85.310
_cell.length_c   119.170
_cell.angle_alpha   90.000
_cell.angle_beta   90.000
_cell.angle_gamma   90.000
#
_symmetry.space_group_name_H-M   'P 21 21 21'
#
loop_
_entity.id
_entity.type
_entity.pdbx_description
1 polymer 'Peroxisome proliferator-activated receptor gamma'
2 polymer 'Nuclear receptor corepressor 2'
3 non-polymer 4-chloranyl-~{N}3-phenyl-~{N}1-(phenylmethyl)benzene-1,3-dicarboxamide
4 non-polymer GLYCEROL
5 water water
#
loop_
_entity_poly.entity_id
_entity_poly.type
_entity_poly.pdbx_seq_one_letter_code
_entity_poly.pdbx_strand_id
1 'polypeptide(L)'
;GSHMQLNPESADLRALAKHLYDSYIKSFPLTKAKARAILTGKTTDKSPFVIYDMNSLMMGEDKIKFKHITPLQEQSKEVA
IRIFQGCQFRSVEAVQEITEYAKSIPGFVNLDLNDQVTLLKYGVHEIIYTMLASLMNKDGVLISEGQGFMTREFLKSLRK
PFGDFMEPKFEFAVKFNALELDDSDLAIFIAVIILSGDRPGLLNVKPIEDIQDNLLQALELQLKLNHPESSQLFAKLLQK
MTDLRQIVTEHVQLLQVIKKTETDMSLHPLLQEIYKDLY
;
A,B
2 'polypeptide(L)' HASTNMGLEAIIRKALMGKYDQW C,D
#
# COMPACT_ATOMS: atom_id res chain seq x y z
N HIS A 3 16.75 -23.35 -2.27
CA HIS A 3 17.28 -23.43 -3.67
C HIS A 3 16.11 -23.35 -4.65
N MET A 4 16.11 -22.33 -5.51
CA MET A 4 15.22 -22.22 -6.69
C MET A 4 15.61 -23.31 -7.68
N GLN A 5 14.61 -23.98 -8.25
CA GLN A 5 14.78 -25.01 -9.30
C GLN A 5 13.91 -24.63 -10.49
N LEU A 6 14.39 -24.90 -11.70
CA LEU A 6 13.58 -24.82 -12.94
C LEU A 6 12.76 -26.11 -13.08
N ASN A 7 11.60 -26.13 -12.40
CA ASN A 7 10.71 -27.32 -12.35
C ASN A 7 9.46 -27.02 -13.13
N PRO A 8 8.59 -28.03 -13.35
CA PRO A 8 7.31 -27.81 -13.99
C PRO A 8 6.56 -26.60 -13.43
N GLU A 9 6.49 -26.44 -12.11
CA GLU A 9 5.74 -25.32 -11.51
C GLU A 9 6.38 -23.99 -11.99
N SER A 10 7.70 -23.85 -11.90
CA SER A 10 8.41 -22.59 -12.27
C SER A 10 8.25 -22.35 -13.78
N ALA A 11 8.42 -23.40 -14.59
CA ALA A 11 8.26 -23.35 -16.06
C ALA A 11 6.88 -22.78 -16.39
N ASP A 12 5.81 -23.25 -15.72
CA ASP A 12 4.42 -22.76 -15.96
C ASP A 12 4.32 -21.27 -15.59
N LEU A 13 4.92 -20.85 -14.50
CA LEU A 13 4.97 -19.42 -14.08
C LEU A 13 5.69 -18.60 -15.14
N ARG A 14 6.72 -19.14 -15.81
CA ARG A 14 7.43 -18.43 -16.92
C ARG A 14 6.53 -18.37 -18.14
N ALA A 15 5.79 -19.45 -18.43
CA ALA A 15 4.80 -19.43 -19.52
C ALA A 15 3.71 -18.39 -19.20
N LEU A 16 3.24 -18.30 -17.96
CA LEU A 16 2.20 -17.28 -17.61
C LEU A 16 2.81 -15.88 -17.78
N ALA A 17 4.06 -15.68 -17.35
CA ALA A 17 4.75 -14.39 -17.53
C ALA A 17 4.78 -13.99 -19.03
N LYS A 18 5.10 -14.94 -19.92
CA LYS A 18 5.24 -14.66 -21.38
C LYS A 18 3.87 -14.33 -21.97
N HIS A 19 2.85 -15.07 -21.54
CA HIS A 19 1.47 -14.85 -22.01
C HIS A 19 1.08 -13.40 -21.71
N LEU A 20 1.38 -12.94 -20.50
CA LEU A 20 0.99 -11.57 -20.08
C LEU A 20 1.83 -10.56 -20.87
N TYR A 21 3.13 -10.82 -21.04
CA TYR A 21 4.06 -9.91 -21.75
C TYR A 21 3.49 -9.70 -23.15
N ASP A 22 3.16 -10.82 -23.81
CA ASP A 22 2.71 -10.76 -25.23
C ASP A 22 1.43 -9.93 -25.31
N SER A 23 0.48 -10.18 -24.40
CA SER A 23 -0.81 -9.47 -24.34
C SER A 23 -0.57 -7.99 -24.04
N TYR A 24 0.31 -7.69 -23.09
CA TYR A 24 0.77 -6.32 -22.74
C TYR A 24 1.21 -5.57 -24.01
N ILE A 25 2.14 -6.14 -24.77
CA ILE A 25 2.61 -5.60 -26.08
C ILE A 25 1.45 -5.32 -27.03
N LYS A 26 0.47 -6.21 -27.11
CA LYS A 26 -0.69 -6.07 -28.03
C LYS A 26 -1.61 -4.92 -27.55
N SER A 27 -1.80 -4.77 -26.25
CA SER A 27 -2.80 -3.87 -25.62
C SER A 27 -2.29 -2.42 -25.55
N PHE A 28 -0.99 -2.22 -25.41
CA PHE A 28 -0.38 -0.93 -25.00
C PHE A 28 0.51 -0.43 -26.12
N PRO A 29 0.05 0.53 -26.96
CA PRO A 29 0.83 1.01 -28.11
C PRO A 29 2.27 1.41 -27.79
N LEU A 30 2.50 2.23 -26.77
CA LEU A 30 3.86 2.68 -26.38
C LEU A 30 4.28 1.94 -25.10
N THR A 31 5.30 1.06 -25.23
CA THR A 31 5.97 0.22 -24.20
C THR A 31 7.04 1.04 -23.46
N LYS A 32 7.46 0.56 -22.29
CA LYS A 32 8.58 1.19 -21.58
C LYS A 32 9.88 1.06 -22.39
N ALA A 33 10.16 -0.11 -22.99
CA ALA A 33 11.35 -0.27 -23.84
C ALA A 33 11.40 0.86 -24.89
N LYS A 34 10.32 1.08 -25.61
CA LYS A 34 10.28 2.12 -26.67
C LYS A 34 10.34 3.52 -26.03
N ALA A 35 9.58 3.77 -24.96
CA ALA A 35 9.57 5.09 -24.28
C ALA A 35 10.99 5.49 -23.87
N ARG A 36 11.76 4.56 -23.28
CA ARG A 36 13.11 4.80 -22.73
C ARG A 36 14.11 5.04 -23.89
N ALA A 37 14.01 4.27 -24.98
CA ALA A 37 14.69 4.53 -26.28
C ALA A 37 14.46 5.99 -26.73
N ILE A 38 13.22 6.45 -26.68
CA ILE A 38 12.87 7.84 -27.14
C ILE A 38 13.55 8.81 -26.16
N LEU A 39 13.29 8.65 -24.86
CA LEU A 39 13.76 9.60 -23.81
C LEU A 39 15.28 9.69 -23.84
N THR A 40 16.01 8.62 -24.14
CA THR A 40 17.49 8.61 -24.07
C THR A 40 18.08 8.86 -25.45
N GLY A 41 17.26 9.10 -26.48
CA GLY A 41 17.73 9.37 -27.85
C GLY A 41 18.43 8.18 -28.51
N LYS A 42 17.95 6.96 -28.24
CA LYS A 42 18.59 5.69 -28.73
C LYS A 42 17.60 5.00 -29.66
N THR A 43 16.81 5.77 -30.39
CA THR A 43 15.79 5.25 -31.32
C THR A 43 15.99 5.95 -32.66
N THR A 44 15.55 5.32 -33.74
CA THR A 44 15.58 5.93 -35.09
C THR A 44 14.23 6.58 -35.38
N ASP A 45 13.24 6.40 -34.50
CA ASP A 45 11.88 6.96 -34.67
C ASP A 45 11.97 8.48 -34.59
N LYS A 46 10.88 9.12 -35.03
CA LYS A 46 10.68 10.59 -35.09
C LYS A 46 10.86 11.16 -33.70
N SER A 47 11.70 12.20 -33.58
CA SER A 47 12.06 12.87 -32.30
C SER A 47 10.84 13.65 -31.80
N PRO A 48 10.33 13.43 -30.58
CA PRO A 48 9.17 14.18 -30.10
C PRO A 48 9.33 15.71 -30.09
N PHE A 49 8.24 16.39 -30.35
CA PHE A 49 8.10 17.87 -30.24
C PHE A 49 7.98 18.21 -28.73
N VAL A 50 8.81 19.14 -28.24
CA VAL A 50 8.88 19.48 -26.79
C VAL A 50 8.00 20.71 -26.51
N ILE A 51 6.96 20.53 -25.68
CA ILE A 51 6.11 21.61 -25.12
C ILE A 51 6.75 22.02 -23.77
N TYR A 52 7.42 23.16 -23.73
CA TYR A 52 8.16 23.62 -22.53
C TYR A 52 7.73 25.04 -22.09
N ASP A 53 6.87 25.68 -22.88
CA ASP A 53 6.36 27.04 -22.58
C ASP A 53 5.05 27.24 -23.35
N MET A 54 4.41 28.40 -23.18
CA MET A 54 3.09 28.66 -23.78
C MET A 54 3.24 28.70 -25.30
N ASN A 55 4.31 29.28 -25.82
CA ASN A 55 4.51 29.43 -27.28
C ASN A 55 4.72 28.03 -27.89
N SER A 56 5.40 27.13 -27.20
CA SER A 56 5.65 25.77 -27.75
C SER A 56 4.37 24.94 -27.60
N LEU A 57 3.50 25.25 -26.65
CA LEU A 57 2.15 24.60 -26.61
C LEU A 57 1.37 24.98 -27.86
N MET A 58 1.24 26.27 -28.13
CA MET A 58 0.47 26.77 -29.30
C MET A 58 0.98 26.03 -30.54
N MET A 59 2.28 26.10 -30.85
CA MET A 59 2.86 25.43 -32.04
C MET A 59 2.63 23.92 -31.98
N GLY A 60 2.63 23.34 -30.78
CA GLY A 60 2.51 21.89 -30.60
C GLY A 60 1.13 21.39 -30.94
N GLU A 61 0.09 22.17 -30.63
CA GLU A 61 -1.32 21.86 -30.94
C GLU A 61 -1.52 21.68 -32.46
N ASP A 62 -0.53 22.06 -33.29
CA ASP A 62 -0.44 21.72 -34.74
C ASP A 62 0.46 20.48 -34.94
N LYS A 63 1.78 20.62 -34.74
CA LYS A 63 2.79 19.51 -34.84
C LYS A 63 2.61 18.51 -33.69
N SER A 76 -11.60 24.97 -25.93
CA SER A 76 -11.78 25.95 -24.83
C SER A 76 -10.79 27.11 -24.99
N LYS A 77 -11.21 28.33 -24.64
CA LYS A 77 -10.40 29.56 -24.81
C LYS A 77 -9.16 29.47 -23.91
N GLU A 78 -9.22 28.60 -22.88
CA GLU A 78 -8.20 28.55 -21.79
C GLU A 78 -7.29 27.32 -21.97
N VAL A 79 -5.99 27.59 -22.09
CA VAL A 79 -4.90 26.60 -22.28
C VAL A 79 -4.99 25.50 -21.22
N ALA A 80 -5.01 25.86 -19.93
CA ALA A 80 -5.05 24.89 -18.81
C ALA A 80 -6.23 23.94 -19.02
N ILE A 81 -7.37 24.45 -19.49
CA ILE A 81 -8.60 23.64 -19.70
C ILE A 81 -8.39 22.73 -20.91
N ARG A 82 -7.77 23.24 -21.98
CA ARG A 82 -7.54 22.45 -23.22
C ARG A 82 -6.67 21.24 -22.86
N ILE A 83 -5.64 21.48 -22.05
CA ILE A 83 -4.64 20.46 -21.60
C ILE A 83 -5.36 19.42 -20.73
N PHE A 84 -6.20 19.86 -19.78
CA PHE A 84 -7.00 18.96 -18.93
C PHE A 84 -7.96 18.14 -19.82
N GLN A 85 -8.60 18.76 -20.82
CA GLN A 85 -9.47 18.06 -21.79
C GLN A 85 -8.74 16.89 -22.46
N GLY A 86 -7.50 17.13 -22.92
CA GLY A 86 -6.66 16.10 -23.55
C GLY A 86 -6.29 15.01 -22.56
N CYS A 87 -5.96 15.38 -21.34
CA CYS A 87 -5.74 14.43 -20.22
C CYS A 87 -6.99 13.53 -20.10
N GLN A 88 -8.16 14.12 -20.04
CA GLN A 88 -9.41 13.36 -19.81
C GLN A 88 -9.59 12.33 -20.92
N PHE A 89 -9.44 12.75 -22.19
CA PHE A 89 -9.72 11.89 -23.37
C PHE A 89 -8.70 10.75 -23.37
N ARG A 90 -7.46 11.06 -22.98
CA ARG A 90 -6.36 10.06 -22.95
C ARG A 90 -6.69 9.00 -21.88
N SER A 91 -7.34 9.38 -20.79
CA SER A 91 -7.64 8.46 -19.66
C SER A 91 -8.73 7.48 -20.12
N VAL A 92 -9.66 7.93 -20.94
CA VAL A 92 -10.74 7.05 -21.49
C VAL A 92 -10.06 6.00 -22.38
N GLU A 93 -9.19 6.46 -23.27
CA GLU A 93 -8.38 5.57 -24.14
C GLU A 93 -7.62 4.57 -23.27
N ALA A 94 -6.93 5.02 -22.21
CA ALA A 94 -6.08 4.15 -21.36
C ALA A 94 -6.95 3.08 -20.69
N VAL A 95 -8.11 3.47 -20.21
CA VAL A 95 -9.04 2.52 -19.54
C VAL A 95 -9.41 1.43 -20.55
N GLN A 96 -9.63 1.78 -21.83
CA GLN A 96 -10.00 0.80 -22.87
C GLN A 96 -8.85 -0.19 -23.07
N GLU A 97 -7.60 0.32 -23.10
CA GLU A 97 -6.40 -0.52 -23.33
C GLU A 97 -6.22 -1.47 -22.12
N ILE A 98 -6.42 -0.97 -20.89
CA ILE A 98 -6.22 -1.76 -19.64
C ILE A 98 -7.27 -2.87 -19.59
N THR A 99 -8.51 -2.55 -19.98
CA THR A 99 -9.62 -3.52 -20.04
C THR A 99 -9.29 -4.62 -21.05
N GLU A 100 -8.79 -4.27 -22.24
CA GLU A 100 -8.39 -5.29 -23.26
CA GLU A 100 -8.38 -5.29 -23.27
C GLU A 100 -7.34 -6.19 -22.63
N TYR A 101 -6.35 -5.61 -21.96
CA TYR A 101 -5.30 -6.36 -21.26
C TYR A 101 -5.93 -7.31 -20.23
N ALA A 102 -6.84 -6.77 -19.42
CA ALA A 102 -7.48 -7.51 -18.29
C ALA A 102 -8.18 -8.76 -18.84
N LYS A 103 -8.73 -8.67 -20.07
CA LYS A 103 -9.43 -9.81 -20.73
C LYS A 103 -8.46 -10.95 -21.02
N SER A 104 -7.17 -10.66 -21.20
CA SER A 104 -6.14 -11.66 -21.53
C SER A 104 -5.64 -12.37 -20.26
N ILE A 105 -5.90 -11.87 -19.05
CA ILE A 105 -5.33 -12.47 -17.81
C ILE A 105 -6.07 -13.77 -17.52
N PRO A 106 -5.42 -14.96 -17.53
CA PRO A 106 -6.13 -16.23 -17.29
C PRO A 106 -7.05 -16.21 -16.07
N GLY A 107 -8.32 -16.50 -16.32
CA GLY A 107 -9.37 -16.60 -15.27
C GLY A 107 -10.25 -15.36 -15.19
N PHE A 108 -9.81 -14.24 -15.77
CA PHE A 108 -10.39 -12.90 -15.44
C PHE A 108 -11.81 -12.81 -16.03
N VAL A 109 -11.97 -13.10 -17.31
CA VAL A 109 -13.30 -13.01 -17.99
C VAL A 109 -14.26 -14.06 -17.43
N ASN A 110 -13.76 -15.07 -16.71
CA ASN A 110 -14.58 -16.13 -16.06
C ASN A 110 -15.07 -15.69 -14.67
N LEU A 111 -14.59 -14.55 -14.17
CA LEU A 111 -15.14 -13.93 -12.93
C LEU A 111 -16.55 -13.43 -13.23
N ASP A 112 -17.41 -13.28 -12.22
CA ASP A 112 -18.73 -12.57 -12.34
C ASP A 112 -18.50 -11.19 -12.99
N LEU A 113 -19.29 -10.84 -13.99
CA LEU A 113 -19.09 -9.59 -14.75
C LEU A 113 -19.10 -8.40 -13.78
N ASN A 114 -19.90 -8.42 -12.72
CA ASN A 114 -19.93 -7.30 -11.73
C ASN A 114 -18.57 -7.20 -11.02
N ASP A 115 -17.92 -8.34 -10.73
CA ASP A 115 -16.61 -8.37 -10.05
C ASP A 115 -15.53 -7.87 -11.03
N GLN A 116 -15.57 -8.26 -12.30
CA GLN A 116 -14.65 -7.76 -13.36
C GLN A 116 -14.72 -6.23 -13.43
N VAL A 117 -15.93 -5.68 -13.43
CA VAL A 117 -16.19 -4.21 -13.49
C VAL A 117 -15.61 -3.59 -12.22
N THR A 118 -15.88 -4.18 -11.06
CA THR A 118 -15.44 -3.58 -9.78
C THR A 118 -13.92 -3.51 -9.79
N LEU A 119 -13.25 -4.62 -10.14
CA LEU A 119 -11.78 -4.69 -10.22
C LEU A 119 -11.28 -3.53 -11.09
N LEU A 120 -11.79 -3.38 -12.30
CA LEU A 120 -11.23 -2.36 -13.22
C LEU A 120 -11.56 -0.95 -12.70
N LYS A 121 -12.76 -0.73 -12.15
CA LYS A 121 -13.18 0.62 -11.70
C LYS A 121 -12.24 1.08 -10.57
N TYR A 122 -11.78 0.19 -9.68
CA TYR A 122 -10.91 0.59 -8.56
C TYR A 122 -9.42 0.42 -8.94
N GLY A 123 -9.10 -0.28 -10.02
CA GLY A 123 -7.71 -0.56 -10.41
C GLY A 123 -7.19 0.37 -11.50
N VAL A 124 -8.04 0.94 -12.36
CA VAL A 124 -7.46 1.51 -13.61
C VAL A 124 -6.53 2.68 -13.26
N HIS A 125 -6.82 3.47 -12.23
CA HIS A 125 -6.04 4.70 -11.95
C HIS A 125 -4.66 4.30 -11.46
N GLU A 126 -4.60 3.29 -10.59
CA GLU A 126 -3.32 2.74 -10.10
C GLU A 126 -2.49 2.27 -11.29
N ILE A 127 -3.08 1.56 -12.25
CA ILE A 127 -2.34 1.04 -13.42
C ILE A 127 -1.96 2.20 -14.34
N ILE A 128 -2.85 3.16 -14.53
CA ILE A 128 -2.52 4.34 -15.38
C ILE A 128 -1.26 5.03 -14.83
N TYR A 129 -1.13 5.25 -13.53
CA TYR A 129 0.03 6.04 -13.03
C TYR A 129 1.26 5.13 -12.98
N THR A 130 1.08 3.81 -12.77
CA THR A 130 2.23 2.85 -12.87
C THR A 130 2.85 2.98 -14.26
N MET A 131 2.03 2.87 -15.28
CA MET A 131 2.49 2.79 -16.68
C MET A 131 2.86 4.18 -17.21
N LEU A 132 2.22 5.26 -16.74
CA LEU A 132 2.64 6.63 -17.13
C LEU A 132 4.08 6.89 -16.70
N ALA A 133 4.54 6.33 -15.57
CA ALA A 133 5.94 6.45 -15.12
C ALA A 133 6.92 5.94 -16.20
N SER A 134 6.56 4.91 -16.96
CA SER A 134 7.40 4.39 -18.07
C SER A 134 7.69 5.52 -19.08
N LEU A 135 6.77 6.47 -19.20
CA LEU A 135 6.81 7.55 -20.22
C LEU A 135 7.32 8.85 -19.61
N MET A 136 7.79 8.78 -18.36
CA MET A 136 8.18 9.99 -17.60
C MET A 136 9.65 9.94 -17.27
N ASN A 137 10.26 11.12 -17.20
CA ASN A 137 11.56 11.32 -16.50
C ASN A 137 11.48 12.61 -15.68
N LYS A 138 12.59 13.02 -15.06
CA LYS A 138 12.70 14.24 -14.20
C LYS A 138 12.21 15.48 -14.97
N ASP A 139 12.33 15.46 -16.30
CA ASP A 139 12.06 16.60 -17.23
C ASP A 139 10.58 16.69 -17.65
N GLY A 140 9.85 15.57 -17.71
CA GLY A 140 8.59 15.60 -18.45
C GLY A 140 8.04 14.24 -18.82
N VAL A 141 7.03 14.25 -19.67
CA VAL A 141 6.23 13.05 -19.98
C VAL A 141 5.99 13.00 -21.49
N LEU A 142 6.20 11.84 -22.09
CA LEU A 142 5.80 11.59 -23.50
C LEU A 142 4.28 11.58 -23.63
N ILE A 143 3.74 12.26 -24.67
CA ILE A 143 2.31 12.37 -25.01
C ILE A 143 2.13 12.03 -26.50
N SER A 144 0.89 11.83 -26.93
CA SER A 144 0.51 11.42 -28.32
C SER A 144 1.34 10.24 -28.77
N GLU A 145 1.29 9.16 -28.00
CA GLU A 145 2.09 7.94 -28.26
C GLU A 145 3.48 8.38 -28.70
N GLY A 146 4.17 9.21 -27.89
CA GLY A 146 5.61 9.48 -28.10
C GLY A 146 5.91 10.52 -29.15
N GLN A 147 4.89 11.19 -29.70
CA GLN A 147 5.02 12.27 -30.72
C GLN A 147 5.35 13.61 -30.06
N GLY A 148 4.96 13.79 -28.79
CA GLY A 148 5.26 15.01 -28.04
C GLY A 148 5.89 14.71 -26.69
N PHE A 149 6.45 15.74 -26.06
CA PHE A 149 7.05 15.67 -24.72
C PHE A 149 6.61 16.97 -24.02
N MET A 150 5.83 16.85 -22.95
CA MET A 150 5.39 18.02 -22.17
C MET A 150 6.23 18.07 -20.88
N THR A 151 6.88 19.21 -20.60
CA THR A 151 7.75 19.35 -19.43
C THR A 151 6.93 19.36 -18.14
N ARG A 152 7.53 18.82 -17.09
CA ARG A 152 6.96 18.81 -15.74
C ARG A 152 6.78 20.24 -15.25
N GLU A 153 7.77 21.11 -15.48
CA GLU A 153 7.70 22.51 -15.00
C GLU A 153 6.66 23.31 -15.79
N PHE A 154 6.48 23.04 -17.08
CA PHE A 154 5.37 23.69 -17.82
C PHE A 154 4.01 23.29 -17.22
N LEU A 155 3.83 22.02 -16.95
CA LEU A 155 2.57 21.56 -16.30
C LEU A 155 2.46 22.22 -14.92
N LYS A 156 3.55 22.31 -14.16
CA LYS A 156 3.51 22.97 -12.82
C LYS A 156 3.12 24.45 -12.94
N SER A 157 3.41 25.09 -14.08
CA SER A 157 3.15 26.53 -14.28
C SER A 157 1.66 26.79 -14.55
N LEU A 158 0.87 25.78 -14.91
CA LEU A 158 -0.56 25.99 -15.18
C LEU A 158 -1.22 26.56 -13.90
N ARG A 159 -2.18 27.47 -14.05
CA ARG A 159 -2.86 28.09 -12.88
C ARG A 159 -3.58 27.02 -12.06
N LYS A 160 -3.66 27.21 -10.73
CA LYS A 160 -4.49 26.40 -9.81
C LYS A 160 -5.87 26.21 -10.43
N PRO A 161 -6.53 25.02 -10.29
CA PRO A 161 -5.98 23.85 -9.61
C PRO A 161 -5.20 22.88 -10.52
N PHE A 162 -4.98 23.25 -11.78
CA PHE A 162 -4.35 22.38 -12.82
C PHE A 162 -2.85 22.20 -12.59
N GLY A 163 -2.20 23.22 -12.02
CA GLY A 163 -0.74 23.26 -11.85
C GLY A 163 -0.24 22.10 -10.98
N ASP A 164 -1.02 21.68 -9.98
CA ASP A 164 -0.61 20.61 -9.05
C ASP A 164 -1.26 19.27 -9.43
N PHE A 165 -1.85 19.14 -10.62
CA PHE A 165 -2.61 17.92 -11.02
C PHE A 165 -1.66 16.74 -11.30
N MET A 166 -0.63 16.94 -12.14
CA MET A 166 0.29 15.84 -12.56
C MET A 166 1.50 15.73 -11.63
N GLU A 167 1.83 16.76 -10.85
CA GLU A 167 3.11 16.81 -10.09
C GLU A 167 3.26 15.60 -9.16
N PRO A 168 2.24 15.16 -8.38
CA PRO A 168 2.41 13.98 -7.52
C PRO A 168 2.66 12.72 -8.36
N LYS A 169 2.23 12.64 -9.63
CA LYS A 169 2.50 11.45 -10.48
C LYS A 169 3.98 11.48 -10.89
N PHE A 170 4.53 12.67 -11.17
CA PHE A 170 6.00 12.80 -11.41
C PHE A 170 6.78 12.35 -10.16
N GLU A 171 6.38 12.82 -8.96
CA GLU A 171 7.12 12.51 -7.69
C GLU A 171 7.17 10.98 -7.52
N PHE A 172 6.02 10.32 -7.71
CA PHE A 172 5.91 8.85 -7.70
C PHE A 172 6.86 8.24 -8.74
N ALA A 173 6.84 8.73 -9.98
CA ALA A 173 7.47 8.11 -11.16
C ALA A 173 9.00 8.17 -11.03
N VAL A 174 9.58 9.27 -10.57
CA VAL A 174 11.07 9.31 -10.52
C VAL A 174 11.50 8.31 -9.44
N LYS A 175 10.75 8.12 -8.36
CA LYS A 175 11.11 7.07 -7.37
C LYS A 175 10.86 5.69 -8.01
N PHE A 176 9.74 5.52 -8.68
CA PHE A 176 9.33 4.19 -9.23
C PHE A 176 10.39 3.73 -10.26
N ASN A 177 10.77 4.66 -11.15
CA ASN A 177 11.73 4.41 -12.25
C ASN A 177 13.09 3.98 -11.74
N ALA A 178 13.50 4.46 -10.56
CA ALA A 178 14.73 4.05 -9.86
C ALA A 178 14.77 2.53 -9.64
N LEU A 179 13.63 1.82 -9.61
CA LEU A 179 13.64 0.33 -9.46
C LEU A 179 14.09 -0.35 -10.77
N GLU A 180 14.12 0.38 -11.87
CA GLU A 180 14.48 -0.08 -13.23
C GLU A 180 13.69 -1.34 -13.63
N LEU A 181 12.38 -1.33 -13.45
CA LEU A 181 11.49 -2.41 -13.98
C LEU A 181 11.42 -2.32 -15.53
N ASP A 182 11.19 -3.45 -16.16
CA ASP A 182 11.04 -3.51 -17.63
C ASP A 182 9.66 -4.05 -17.91
N ASP A 183 9.30 -4.09 -19.20
CA ASP A 183 7.92 -4.41 -19.64
C ASP A 183 7.49 -5.80 -19.12
N SER A 184 8.43 -6.76 -19.12
CA SER A 184 8.23 -8.15 -18.62
C SER A 184 7.85 -8.15 -17.14
N ASP A 185 8.53 -7.31 -16.34
CA ASP A 185 8.19 -7.11 -14.90
C ASP A 185 6.82 -6.44 -14.78
N LEU A 186 6.60 -5.38 -15.56
CA LEU A 186 5.39 -4.52 -15.44
C LEU A 186 4.11 -5.28 -15.87
N ALA A 187 4.21 -6.14 -16.88
CA ALA A 187 3.06 -6.92 -17.36
C ALA A 187 2.47 -7.69 -16.17
N ILE A 188 3.32 -8.29 -15.34
CA ILE A 188 2.81 -9.16 -14.24
C ILE A 188 2.34 -8.23 -13.12
N PHE A 189 3.08 -7.17 -12.84
CA PHE A 189 2.77 -6.22 -11.73
C PHE A 189 1.38 -5.66 -11.93
N ILE A 190 1.08 -5.20 -13.16
CA ILE A 190 -0.25 -4.64 -13.49
C ILE A 190 -1.35 -5.69 -13.30
N ALA A 191 -1.13 -6.96 -13.68
CA ALA A 191 -2.11 -8.07 -13.51
C ALA A 191 -2.36 -8.27 -12.01
N VAL A 192 -1.32 -8.14 -11.21
CA VAL A 192 -1.45 -8.27 -9.74
C VAL A 192 -2.35 -7.14 -9.25
N ILE A 193 -2.17 -5.92 -9.73
CA ILE A 193 -3.01 -4.76 -9.29
C ILE A 193 -4.47 -5.08 -9.59
N ILE A 194 -4.74 -5.49 -10.82
CA ILE A 194 -6.14 -5.69 -11.26
C ILE A 194 -6.83 -6.72 -10.34
N LEU A 195 -6.19 -7.83 -10.01
CA LEU A 195 -6.86 -8.90 -9.19
C LEU A 195 -6.67 -8.66 -7.68
N SER A 196 -7.04 -7.48 -7.23
CA SER A 196 -6.97 -7.09 -5.80
C SER A 196 -8.29 -7.51 -5.15
N GLY A 197 -8.27 -8.53 -4.28
CA GLY A 197 -9.49 -9.01 -3.60
C GLY A 197 -10.07 -8.05 -2.57
N ASP A 198 -9.36 -6.98 -2.23
CA ASP A 198 -9.75 -6.01 -1.18
C ASP A 198 -10.53 -4.82 -1.78
N ARG A 199 -10.91 -4.84 -3.06
CA ARG A 199 -11.66 -3.71 -3.64
C ARG A 199 -13.05 -3.70 -3.02
N PRO A 200 -13.63 -2.51 -2.72
CA PRO A 200 -14.93 -2.45 -2.07
C PRO A 200 -16.01 -3.01 -3.02
N GLY A 201 -16.98 -3.72 -2.44
CA GLY A 201 -18.18 -4.20 -3.17
C GLY A 201 -17.95 -5.44 -4.02
N LEU A 202 -16.84 -6.16 -3.85
CA LEU A 202 -16.61 -7.44 -4.59
C LEU A 202 -17.59 -8.49 -4.05
N LEU A 203 -18.24 -9.23 -4.94
CA LEU A 203 -19.19 -10.32 -4.60
C LEU A 203 -18.44 -11.58 -4.13
N ASN A 204 -17.52 -12.09 -4.94
CA ASN A 204 -16.90 -13.43 -4.73
C ASN A 204 -15.37 -13.27 -4.70
N VAL A 205 -14.81 -13.22 -3.50
CA VAL A 205 -13.43 -12.74 -3.21
C VAL A 205 -12.43 -13.86 -3.47
N LYS A 206 -12.73 -15.09 -3.07
CA LYS A 206 -11.74 -16.20 -3.10
C LYS A 206 -11.27 -16.47 -4.53
N PRO A 207 -12.17 -16.58 -5.54
CA PRO A 207 -11.73 -16.72 -6.94
C PRO A 207 -10.71 -15.66 -7.40
N ILE A 208 -10.86 -14.43 -6.92
CA ILE A 208 -9.92 -13.30 -7.24
C ILE A 208 -8.59 -13.51 -6.53
N GLU A 209 -8.64 -13.83 -5.22
CA GLU A 209 -7.45 -14.13 -4.41
C GLU A 209 -6.65 -15.28 -5.04
N ASP A 210 -7.33 -16.30 -5.54
CA ASP A 210 -6.67 -17.50 -6.13
C ASP A 210 -5.87 -17.08 -7.37
N ILE A 211 -6.46 -16.25 -8.24
CA ILE A 211 -5.75 -15.77 -9.45
C ILE A 211 -4.62 -14.86 -9.00
N GLN A 212 -4.88 -13.94 -8.06
CA GLN A 212 -3.80 -13.03 -7.57
C GLN A 212 -2.63 -13.83 -7.01
N ASP A 213 -2.91 -14.89 -6.25
CA ASP A 213 -1.85 -15.72 -5.65
C ASP A 213 -0.94 -16.28 -6.75
N ASN A 214 -1.49 -16.82 -7.83
CA ASN A 214 -0.71 -17.35 -8.98
C ASN A 214 0.10 -16.21 -9.63
N LEU A 215 -0.46 -15.01 -9.72
CA LEU A 215 0.22 -13.85 -10.37
C LEU A 215 1.34 -13.35 -9.47
N LEU A 216 1.12 -13.37 -8.15
CA LEU A 216 2.17 -13.02 -7.15
C LEU A 216 3.32 -14.02 -7.26
N GLN A 217 3.03 -15.30 -7.37
CA GLN A 217 4.12 -16.29 -7.60
C GLN A 217 4.89 -15.95 -8.88
N ALA A 218 4.18 -15.64 -9.96
CA ALA A 218 4.82 -15.37 -11.26
C ALA A 218 5.67 -14.11 -11.16
N LEU A 219 5.18 -13.10 -10.44
CA LEU A 219 5.87 -11.79 -10.28
C LEU A 219 7.12 -11.98 -9.49
N GLU A 220 7.04 -12.76 -8.41
CA GLU A 220 8.19 -12.96 -7.53
C GLU A 220 9.29 -13.64 -8.35
N LEU A 221 8.92 -14.66 -9.12
CA LEU A 221 9.92 -15.42 -9.91
C LEU A 221 10.50 -14.50 -10.98
N GLN A 222 9.67 -13.76 -11.70
CA GLN A 222 10.12 -12.74 -12.70
C GLN A 222 11.23 -11.90 -12.05
N LEU A 223 11.00 -11.37 -10.85
CA LEU A 223 11.92 -10.34 -10.28
C LEU A 223 13.21 -10.98 -9.80
N LYS A 224 13.13 -12.18 -9.24
CA LYS A 224 14.35 -12.97 -8.91
C LYS A 224 15.19 -13.19 -10.17
N LEU A 225 14.61 -13.69 -11.25
CA LEU A 225 15.41 -13.99 -12.47
C LEU A 225 15.95 -12.69 -13.09
N ASN A 226 15.17 -11.61 -13.02
CA ASN A 226 15.45 -10.44 -13.89
C ASN A 226 16.24 -9.38 -13.13
N HIS A 227 16.40 -9.49 -11.81
CA HIS A 227 17.04 -8.42 -11.00
C HIS A 227 17.93 -9.02 -9.95
N PRO A 228 19.14 -9.45 -10.37
CA PRO A 228 20.04 -10.15 -9.48
C PRO A 228 20.60 -9.19 -8.42
N GLU A 229 20.46 -7.87 -8.62
CA GLU A 229 21.12 -6.93 -7.68
C GLU A 229 20.12 -6.24 -6.74
N SER A 230 18.86 -6.64 -6.70
CA SER A 230 17.90 -6.19 -5.66
C SER A 230 17.13 -7.41 -5.11
N SER A 231 17.60 -8.00 -4.02
CA SER A 231 17.11 -9.32 -3.54
C SER A 231 15.67 -9.20 -3.08
N GLN A 232 15.22 -8.00 -2.69
CA GLN A 232 13.89 -7.76 -2.11
C GLN A 232 13.10 -6.79 -2.99
N LEU A 233 13.35 -6.80 -4.30
CA LEU A 233 12.57 -5.97 -5.27
C LEU A 233 11.08 -6.33 -5.21
N PHE A 234 10.73 -7.61 -5.09
CA PHE A 234 9.33 -8.09 -4.93
C PHE A 234 8.64 -7.36 -3.77
N ALA A 235 9.25 -7.38 -2.59
CA ALA A 235 8.67 -6.66 -1.44
C ALA A 235 8.62 -5.16 -1.76
N LYS A 236 9.67 -4.59 -2.33
CA LYS A 236 9.71 -3.12 -2.65
C LYS A 236 8.56 -2.77 -3.56
N LEU A 237 8.32 -3.57 -4.61
CA LEU A 237 7.16 -3.38 -5.53
C LEU A 237 5.81 -3.45 -4.79
N LEU A 238 5.62 -4.42 -3.89
CA LEU A 238 4.32 -4.51 -3.19
C LEU A 238 4.15 -3.25 -2.31
N GLN A 239 5.24 -2.74 -1.73
CA GLN A 239 5.19 -1.49 -0.94
C GLN A 239 4.76 -0.31 -1.82
N LYS A 240 5.02 -0.33 -3.12
CA LYS A 240 4.59 0.77 -4.04
C LYS A 240 3.06 0.85 -4.17
N MET A 241 2.31 -0.18 -3.79
CA MET A 241 0.83 -0.12 -3.87
C MET A 241 0.26 0.91 -2.88
N THR A 242 0.91 1.20 -1.75
CA THR A 242 0.43 2.23 -0.79
C THR A 242 0.67 3.59 -1.47
N ASP A 243 1.80 3.76 -2.15
CA ASP A 243 2.09 5.04 -2.85
C ASP A 243 0.98 5.22 -3.88
N LEU A 244 0.60 4.12 -4.57
CA LEU A 244 -0.40 4.20 -5.67
C LEU A 244 -1.78 4.54 -5.10
N ARG A 245 -2.19 3.86 -4.04
CA ARG A 245 -3.49 4.11 -3.36
C ARG A 245 -3.57 5.61 -2.96
N GLN A 246 -2.52 6.16 -2.34
CA GLN A 246 -2.46 7.58 -1.93
C GLN A 246 -2.59 8.46 -3.18
N ILE A 247 -1.74 8.22 -4.20
CA ILE A 247 -1.82 8.93 -5.50
C ILE A 247 -3.27 8.98 -5.94
N VAL A 248 -3.97 7.84 -5.95
CA VAL A 248 -5.34 7.74 -6.51
C VAL A 248 -6.32 8.47 -5.57
N THR A 249 -6.20 8.29 -4.26
CA THR A 249 -6.99 9.03 -3.24
C THR A 249 -6.89 10.53 -3.50
N GLU A 250 -5.67 11.06 -3.57
CA GLU A 250 -5.38 12.49 -3.83
C GLU A 250 -5.89 12.89 -5.22
N HIS A 251 -5.69 12.04 -6.24
CA HIS A 251 -6.17 12.28 -7.64
C HIS A 251 -7.69 12.48 -7.65
N VAL A 252 -8.41 11.58 -7.00
CA VAL A 252 -9.89 11.58 -6.96
C VAL A 252 -10.36 12.87 -6.27
N GLN A 253 -9.71 13.28 -5.18
CA GLN A 253 -10.01 14.56 -4.51
C GLN A 253 -9.86 15.70 -5.52
N LEU A 254 -8.83 15.68 -6.37
CA LEU A 254 -8.55 16.82 -7.29
C LEU A 254 -9.57 16.81 -8.43
N LEU A 255 -9.93 15.62 -8.92
CA LEU A 255 -11.00 15.47 -9.95
C LEU A 255 -12.27 16.17 -9.44
N GLN A 256 -12.60 16.04 -8.16
CA GLN A 256 -13.86 16.60 -7.59
C GLN A 256 -13.76 18.13 -7.59
N VAL A 257 -12.74 18.69 -6.93
CA VAL A 257 -12.44 20.14 -6.86
C VAL A 257 -12.55 20.77 -8.26
N ILE A 258 -12.04 20.09 -9.29
CA ILE A 258 -12.09 20.57 -10.71
C ILE A 258 -13.55 20.54 -11.18
N LYS A 259 -14.32 19.51 -10.81
CA LYS A 259 -15.76 19.42 -11.18
C LYS A 259 -16.56 20.52 -10.45
N LYS A 260 -16.36 20.68 -9.14
CA LYS A 260 -17.00 21.74 -8.31
C LYS A 260 -16.66 23.15 -8.83
N THR A 261 -15.41 23.43 -9.24
CA THR A 261 -14.87 24.83 -9.38
C THR A 261 -14.61 25.22 -10.84
N GLU A 262 -14.49 24.27 -11.77
CA GLU A 262 -14.29 24.56 -13.22
C GLU A 262 -15.53 24.10 -13.98
N THR A 263 -15.52 24.26 -15.31
CA THR A 263 -16.36 23.49 -16.26
C THR A 263 -15.52 22.27 -16.69
N ASP A 264 -15.86 21.62 -17.82
CA ASP A 264 -15.07 20.52 -18.44
C ASP A 264 -13.57 20.83 -18.30
N LEU A 267 -17.31 16.04 -22.55
CA LEU A 267 -17.34 14.56 -22.48
C LEU A 267 -16.67 13.95 -23.72
N HIS A 268 -15.92 12.85 -23.53
CA HIS A 268 -15.39 11.97 -24.61
C HIS A 268 -16.55 11.50 -25.49
N PRO A 269 -16.39 11.50 -26.83
CA PRO A 269 -17.45 11.06 -27.75
C PRO A 269 -18.11 9.70 -27.46
N LEU A 270 -17.32 8.70 -27.05
CA LEU A 270 -17.79 7.34 -26.68
C LEU A 270 -18.82 7.47 -25.55
N LEU A 271 -18.54 8.35 -24.59
CA LEU A 271 -19.39 8.58 -23.38
C LEU A 271 -20.72 9.22 -23.79
N GLN A 272 -20.68 10.19 -24.72
CA GLN A 272 -21.88 10.88 -25.29
C GLN A 272 -22.79 9.85 -25.98
N GLU A 273 -22.21 8.96 -26.79
CA GLU A 273 -22.95 7.91 -27.56
C GLU A 273 -23.54 6.86 -26.60
N ILE A 274 -22.84 6.49 -25.53
CA ILE A 274 -23.30 5.53 -24.48
C ILE A 274 -24.63 6.04 -23.86
N TYR A 275 -24.87 7.36 -23.82
CA TYR A 275 -26.18 7.98 -23.46
C TYR A 275 -26.93 8.46 -24.71
N GLN B 5 19.84 -27.59 4.40
CA GLN B 5 20.83 -27.03 5.38
C GLN B 5 21.15 -25.58 5.00
N LEU B 6 20.87 -24.63 5.89
CA LEU B 6 21.10 -23.18 5.69
C LEU B 6 22.59 -22.94 5.48
N ASN B 7 22.95 -22.00 4.61
CA ASN B 7 24.34 -21.51 4.42
C ASN B 7 24.60 -20.41 5.45
N PRO B 8 25.80 -19.75 5.45
CA PRO B 8 26.11 -18.73 6.45
C PRO B 8 25.19 -17.49 6.37
N GLU B 9 24.82 -17.03 5.17
CA GLU B 9 23.95 -15.84 5.01
C GLU B 9 22.55 -16.17 5.58
N SER B 10 22.01 -17.33 5.27
CA SER B 10 20.71 -17.79 5.85
C SER B 10 20.81 -17.98 7.38
N ALA B 11 21.87 -18.63 7.85
CA ALA B 11 22.13 -18.82 9.30
C ALA B 11 22.09 -17.44 9.99
N ASP B 12 22.61 -16.41 9.32
CA ASP B 12 22.70 -15.04 9.92
C ASP B 12 21.30 -14.44 10.02
N LEU B 13 20.45 -14.69 9.01
CA LEU B 13 19.04 -14.23 8.98
C LEU B 13 18.26 -14.89 10.12
N ARG B 14 18.55 -16.15 10.46
CA ARG B 14 17.90 -16.88 11.59
C ARG B 14 18.34 -16.25 12.91
N ALA B 15 19.64 -15.93 13.04
CA ALA B 15 20.21 -15.23 14.21
C ALA B 15 19.52 -13.86 14.37
N LEU B 16 19.30 -13.12 13.28
CA LEU B 16 18.64 -11.79 13.34
C LEU B 16 17.18 -11.97 13.79
N ALA B 17 16.46 -12.97 13.26
CA ALA B 17 15.06 -13.25 13.60
C ALA B 17 14.92 -13.49 15.11
N LYS B 18 15.84 -14.27 15.64
CA LYS B 18 15.88 -14.69 17.06
C LYS B 18 16.29 -13.50 17.91
N HIS B 19 17.22 -12.65 17.43
CA HIS B 19 17.63 -11.42 18.15
C HIS B 19 16.39 -10.54 18.35
N LEU B 20 15.59 -10.36 17.30
CA LEU B 20 14.34 -9.55 17.28
C LEU B 20 13.24 -10.22 18.14
N TYR B 21 13.10 -11.54 18.07
CA TYR B 21 12.06 -12.23 18.89
C TYR B 21 12.40 -11.96 20.37
N ASP B 22 13.65 -12.13 20.76
CA ASP B 22 14.07 -12.00 22.19
C ASP B 22 13.82 -10.56 22.66
N SER B 23 14.10 -9.59 21.79
CA SER B 23 13.91 -8.15 22.10
C SER B 23 12.42 -7.83 22.20
N TYR B 24 11.60 -8.38 21.31
CA TYR B 24 10.13 -8.27 21.28
C TYR B 24 9.52 -8.79 22.59
N ILE B 25 9.94 -9.99 23.02
CA ILE B 25 9.51 -10.61 24.31
C ILE B 25 9.86 -9.65 25.47
N LYS B 26 11.04 -9.06 25.40
CA LYS B 26 11.60 -8.12 26.41
C LYS B 26 10.76 -6.83 26.44
N SER B 27 10.24 -6.35 25.30
CA SER B 27 9.63 -5.00 25.15
C SER B 27 8.13 -5.02 25.39
N PHE B 28 7.47 -6.12 25.04
CA PHE B 28 6.00 -6.20 24.89
C PHE B 28 5.50 -7.25 25.89
N PRO B 29 5.02 -6.76 27.05
CA PRO B 29 4.65 -7.66 28.15
C PRO B 29 3.61 -8.70 27.72
N LEU B 30 2.55 -8.28 27.02
CA LEU B 30 1.46 -9.21 26.61
C LEU B 30 1.64 -9.57 25.13
N THR B 31 2.11 -10.80 24.89
CA THR B 31 2.43 -11.39 23.56
C THR B 31 1.16 -11.98 22.94
N LYS B 32 1.21 -12.24 21.64
CA LYS B 32 0.06 -12.88 20.94
C LYS B 32 -0.18 -14.29 21.55
N ALA B 33 0.86 -15.07 21.83
CA ALA B 33 0.69 -16.42 22.44
C ALA B 33 -0.23 -16.32 23.67
N LYS B 34 0.10 -15.42 24.61
CA LYS B 34 -0.62 -15.29 25.90
C LYS B 34 -2.02 -14.75 25.64
N ALA B 35 -2.15 -13.74 24.77
CA ALA B 35 -3.46 -13.18 24.38
C ALA B 35 -4.35 -14.29 23.85
N ARG B 36 -3.82 -15.17 22.99
CA ARG B 36 -4.61 -16.21 22.27
C ARG B 36 -5.07 -17.26 23.29
N ALA B 37 -4.20 -17.59 24.24
CA ALA B 37 -4.53 -18.44 25.41
C ALA B 37 -5.74 -17.83 26.14
N ILE B 38 -5.62 -16.60 26.61
CA ILE B 38 -6.69 -15.94 27.40
C ILE B 38 -7.99 -15.94 26.59
N LEU B 39 -7.93 -15.52 25.31
CA LEU B 39 -9.13 -15.41 24.44
C LEU B 39 -9.78 -16.79 24.27
N THR B 40 -9.03 -17.89 24.37
CA THR B 40 -9.54 -19.28 24.21
C THR B 40 -9.47 -20.04 25.55
N GLY B 41 -9.46 -19.31 26.67
CA GLY B 41 -9.36 -19.85 28.04
C GLY B 41 -8.54 -21.13 28.14
N LYS B 42 -7.23 -21.06 27.84
CA LYS B 42 -6.25 -22.18 27.99
C LYS B 42 -5.17 -21.76 28.99
N THR B 43 -5.57 -21.24 30.16
CA THR B 43 -4.67 -20.65 31.19
C THR B 43 -5.05 -21.22 32.56
N THR B 44 -4.46 -20.68 33.64
CA THR B 44 -4.76 -21.03 35.06
C THR B 44 -5.26 -19.78 35.81
N ASP B 45 -4.81 -18.57 35.43
CA ASP B 45 -5.37 -17.30 35.96
C ASP B 45 -6.84 -17.23 35.55
N LYS B 46 -7.68 -16.63 36.40
CA LYS B 46 -9.14 -16.51 36.14
C LYS B 46 -9.33 -15.77 34.80
N SER B 47 -10.42 -16.09 34.11
CA SER B 47 -10.88 -15.46 32.84
C SER B 47 -10.82 -13.94 32.99
N PRO B 48 -10.64 -13.16 31.91
CA PRO B 48 -10.73 -11.70 32.00
C PRO B 48 -12.11 -11.31 32.54
N PHE B 49 -12.20 -10.19 33.24
CA PHE B 49 -13.49 -9.51 33.50
C PHE B 49 -14.02 -8.93 32.18
N VAL B 50 -15.25 -9.28 31.80
CA VAL B 50 -15.89 -8.81 30.54
C VAL B 50 -16.59 -7.50 30.81
N ILE B 51 -16.35 -6.49 29.97
CA ILE B 51 -17.08 -5.20 29.99
C ILE B 51 -17.97 -5.17 28.74
N TYR B 52 -19.29 -5.28 28.91
CA TYR B 52 -20.30 -5.38 27.82
C TYR B 52 -21.35 -4.26 27.87
N ASP B 53 -21.34 -3.40 28.91
CA ASP B 53 -22.31 -2.29 29.09
C ASP B 53 -21.82 -1.39 30.25
N MET B 54 -22.54 -0.30 30.53
CA MET B 54 -22.15 0.72 31.56
C MET B 54 -22.05 0.07 32.95
N ASN B 55 -23.05 -0.74 33.34
CA ASN B 55 -22.98 -1.58 34.55
C ASN B 55 -21.58 -2.17 34.69
N SER B 56 -21.20 -3.06 33.77
CA SER B 56 -19.97 -3.90 33.86
C SER B 56 -18.73 -3.01 33.83
N LEU B 57 -18.75 -1.88 33.12
CA LEU B 57 -17.63 -0.91 33.15
C LEU B 57 -17.38 -0.49 34.61
N MET B 58 -18.46 -0.15 35.35
CA MET B 58 -18.37 0.32 36.77
C MET B 58 -17.81 -0.83 37.64
N MET B 59 -18.43 -2.00 37.55
CA MET B 59 -18.04 -3.21 38.32
C MET B 59 -16.57 -3.53 37.99
N GLY B 60 -16.18 -3.34 36.73
CA GLY B 60 -14.83 -3.67 36.21
C GLY B 60 -13.74 -2.80 36.82
N GLU B 61 -13.91 -1.48 36.78
CA GLU B 61 -12.99 -0.49 37.41
C GLU B 61 -12.70 -0.96 38.84
N ASP B 62 -13.73 -1.49 39.52
CA ASP B 62 -13.64 -2.17 40.84
C ASP B 62 -13.59 -3.68 40.61
N LYS B 77 -15.88 13.55 32.97
CA LYS B 77 -16.09 12.20 33.60
C LYS B 77 -17.20 11.44 32.86
N GLU B 78 -17.64 11.91 31.69
CA GLU B 78 -18.59 11.18 30.80
C GLU B 78 -17.90 9.91 30.24
N VAL B 79 -18.57 8.75 30.28
CA VAL B 79 -17.98 7.40 29.98
C VAL B 79 -17.14 7.47 28.70
N ALA B 80 -17.74 7.86 27.57
CA ALA B 80 -17.04 7.90 26.26
C ALA B 80 -15.72 8.65 26.40
N ILE B 81 -15.74 9.81 27.03
CA ILE B 81 -14.51 10.65 27.22
C ILE B 81 -13.58 9.94 28.21
N ARG B 82 -14.11 9.31 29.26
CA ARG B 82 -13.28 8.51 30.19
C ARG B 82 -12.49 7.47 29.37
N ILE B 83 -13.19 6.63 28.61
CA ILE B 83 -12.61 5.49 27.85
C ILE B 83 -11.57 5.99 26.85
N PHE B 84 -11.88 7.05 26.09
CA PHE B 84 -10.95 7.69 25.13
C PHE B 84 -9.68 8.17 25.85
N GLN B 85 -9.78 8.78 27.03
CA GLN B 85 -8.56 9.35 27.66
C GLN B 85 -7.73 8.19 28.21
N GLY B 86 -8.39 7.10 28.61
CA GLY B 86 -7.74 5.81 28.91
C GLY B 86 -7.04 5.27 27.68
N CYS B 87 -7.76 5.18 26.55
CA CYS B 87 -7.22 4.81 25.23
C CYS B 87 -5.92 5.60 25.00
N GLN B 88 -6.02 6.93 25.06
CA GLN B 88 -4.91 7.90 24.92
C GLN B 88 -3.73 7.51 25.82
N PHE B 89 -3.97 7.31 27.12
CA PHE B 89 -2.93 6.91 28.11
C PHE B 89 -2.18 5.68 27.59
N ARG B 90 -2.91 4.63 27.22
CA ARG B 90 -2.34 3.33 26.79
C ARG B 90 -1.49 3.51 25.53
N SER B 91 -1.91 4.36 24.58
CA SER B 91 -1.18 4.57 23.30
C SER B 91 0.21 5.17 23.61
N VAL B 92 0.29 6.05 24.61
CA VAL B 92 1.58 6.68 25.04
C VAL B 92 2.51 5.58 25.53
N GLU B 93 2.04 4.67 26.41
CA GLU B 93 2.89 3.54 26.89
C GLU B 93 3.36 2.76 25.66
N ALA B 94 2.44 2.44 24.73
CA ALA B 94 2.73 1.60 23.53
C ALA B 94 3.80 2.29 22.69
N VAL B 95 3.77 3.62 22.59
CA VAL B 95 4.79 4.40 21.84
C VAL B 95 6.15 4.19 22.50
N GLN B 96 6.19 4.23 23.82
CA GLN B 96 7.46 4.05 24.60
C GLN B 96 7.98 2.63 24.38
N GLU B 97 7.11 1.61 24.43
CA GLU B 97 7.47 0.17 24.24
C GLU B 97 8.11 -0.04 22.84
N ILE B 98 7.48 0.49 21.81
CA ILE B 98 7.94 0.37 20.40
C ILE B 98 9.30 1.08 20.25
N THR B 99 9.48 2.26 20.87
CA THR B 99 10.77 3.01 20.82
C THR B 99 11.88 2.14 21.44
N GLU B 100 11.63 1.58 22.61
CA GLU B 100 12.58 0.61 23.26
C GLU B 100 12.92 -0.50 22.28
N TYR B 101 11.91 -1.14 21.69
CA TYR B 101 12.09 -2.25 20.72
C TYR B 101 12.96 -1.77 19.55
N ALA B 102 12.64 -0.60 19.01
CA ALA B 102 13.31 -0.03 17.81
C ALA B 102 14.79 0.07 18.09
N LYS B 103 15.17 0.35 19.35
CA LYS B 103 16.60 0.52 19.73
C LYS B 103 17.35 -0.79 19.52
N SER B 104 16.65 -1.93 19.59
CA SER B 104 17.27 -3.28 19.48
C SER B 104 17.44 -3.68 18.01
N ILE B 105 16.83 -2.98 17.05
CA ILE B 105 16.96 -3.38 15.62
C ILE B 105 18.38 -3.02 15.19
N PRO B 106 19.21 -4.01 14.77
CA PRO B 106 20.59 -3.73 14.40
C PRO B 106 20.67 -2.65 13.32
N GLY B 107 21.43 -1.58 13.62
CA GLY B 107 21.73 -0.46 12.71
C GLY B 107 20.83 0.73 12.97
N PHE B 108 19.68 0.53 13.61
CA PHE B 108 18.66 1.60 13.82
C PHE B 108 19.29 2.77 14.58
N VAL B 109 19.98 2.53 15.71
CA VAL B 109 20.49 3.66 16.53
C VAL B 109 21.76 4.26 15.89
N ASN B 110 22.31 3.64 14.85
CA ASN B 110 23.43 4.20 14.05
C ASN B 110 22.89 5.20 13.02
N LEU B 111 21.57 5.23 12.77
CA LEU B 111 20.92 6.20 11.84
C LEU B 111 20.99 7.61 12.43
N ASP B 112 20.87 8.64 11.59
CA ASP B 112 20.73 10.04 12.03
C ASP B 112 19.60 10.08 13.06
N LEU B 113 19.76 10.74 14.21
CA LEU B 113 18.72 10.76 15.29
C LEU B 113 17.40 11.32 14.75
N ASN B 114 17.46 12.34 13.90
CA ASN B 114 16.23 12.94 13.33
C ASN B 114 15.48 11.88 12.51
N ASP B 115 16.17 10.99 11.81
CA ASP B 115 15.53 9.92 11.01
C ASP B 115 14.93 8.85 11.95
N GLN B 116 15.60 8.51 13.05
CA GLN B 116 15.06 7.60 14.08
C GLN B 116 13.74 8.16 14.58
N VAL B 117 13.73 9.46 14.90
CA VAL B 117 12.49 10.16 15.36
C VAL B 117 11.43 10.11 14.26
N THR B 118 11.78 10.49 13.02
CA THR B 118 10.81 10.50 11.90
C THR B 118 10.23 9.08 11.69
N LEU B 119 11.08 8.05 11.62
CA LEU B 119 10.61 6.65 11.40
C LEU B 119 9.60 6.28 12.50
N LEU B 120 9.84 6.64 13.74
CA LEU B 120 8.98 6.20 14.86
C LEU B 120 7.71 7.04 14.85
N LYS B 121 7.88 8.33 14.62
CA LYS B 121 6.74 9.29 14.53
C LYS B 121 5.71 8.74 13.55
N TYR B 122 6.13 8.31 12.35
CA TYR B 122 5.18 7.88 11.29
C TYR B 122 4.89 6.38 11.36
N GLY B 123 5.60 5.63 12.19
CA GLY B 123 5.51 4.16 12.25
C GLY B 123 4.66 3.69 13.42
N VAL B 124 4.68 4.39 14.55
CA VAL B 124 4.16 3.81 15.82
C VAL B 124 2.68 3.41 15.69
N HIS B 125 1.84 4.15 14.95
CA HIS B 125 0.39 3.86 14.86
C HIS B 125 0.14 2.62 13.98
N GLU B 126 0.86 2.46 12.87
CA GLU B 126 0.83 1.20 12.08
C GLU B 126 1.19 0.02 13.03
N ILE B 127 2.19 0.17 13.89
CA ILE B 127 2.68 -0.91 14.80
C ILE B 127 1.64 -1.15 15.91
N ILE B 128 1.06 -0.07 16.44
CA ILE B 128 0.06 -0.17 17.53
C ILE B 128 -1.07 -1.06 17.02
N TYR B 129 -1.59 -0.83 15.81
CA TYR B 129 -2.82 -1.53 15.35
C TYR B 129 -2.51 -2.93 14.83
N THR B 130 -1.31 -3.15 14.29
CA THR B 130 -0.78 -4.51 14.03
C THR B 130 -0.84 -5.33 15.33
N MET B 131 -0.22 -4.83 16.40
CA MET B 131 -0.06 -5.60 17.65
C MET B 131 -1.40 -5.69 18.39
N LEU B 132 -2.32 -4.73 18.22
CA LEU B 132 -3.63 -4.72 18.92
C LEU B 132 -4.49 -5.86 18.34
N ALA B 133 -4.27 -6.20 17.07
CA ALA B 133 -4.96 -7.34 16.43
C ALA B 133 -4.67 -8.62 17.24
N SER B 134 -3.47 -8.77 17.78
CA SER B 134 -3.01 -9.90 18.65
C SER B 134 -3.94 -10.05 19.86
N LEU B 135 -4.58 -8.96 20.29
CA LEU B 135 -5.43 -8.86 21.52
C LEU B 135 -6.91 -8.85 21.17
N MET B 136 -7.24 -8.89 19.87
CA MET B 136 -8.63 -8.78 19.35
C MET B 136 -9.12 -10.12 18.80
N ASN B 137 -10.42 -10.35 18.93
CA ASN B 137 -11.18 -11.29 18.06
C ASN B 137 -12.38 -10.51 17.55
N LYS B 138 -13.30 -11.15 16.82
CA LYS B 138 -14.44 -10.46 16.18
C LYS B 138 -15.38 -9.91 17.27
N ASP B 139 -15.24 -10.36 18.51
CA ASP B 139 -16.21 -10.04 19.60
C ASP B 139 -15.68 -8.95 20.54
N GLY B 140 -14.36 -8.70 20.60
CA GLY B 140 -13.80 -7.68 21.51
C GLY B 140 -12.29 -7.68 21.57
N VAL B 141 -11.76 -7.00 22.59
CA VAL B 141 -10.30 -6.72 22.74
C VAL B 141 -9.93 -6.91 24.22
N LEU B 142 -8.79 -7.55 24.49
CA LEU B 142 -8.19 -7.66 25.85
C LEU B 142 -7.69 -6.26 26.24
N ILE B 143 -7.85 -5.91 27.51
CA ILE B 143 -7.37 -4.60 28.07
C ILE B 143 -6.71 -4.89 29.40
N SER B 144 -5.88 -3.96 29.88
CA SER B 144 -5.13 -4.05 31.16
C SER B 144 -4.40 -5.39 31.22
N GLU B 145 -3.55 -5.65 30.24
CA GLU B 145 -2.64 -6.82 30.22
C GLU B 145 -3.46 -8.11 30.26
N GLY B 146 -4.63 -8.13 29.59
CA GLY B 146 -5.49 -9.31 29.42
C GLY B 146 -6.35 -9.60 30.65
N GLN B 147 -6.43 -8.65 31.58
CA GLN B 147 -7.25 -8.74 32.81
C GLN B 147 -8.71 -8.38 32.51
N GLY B 148 -8.91 -7.53 31.51
CA GLY B 148 -10.25 -7.13 31.03
C GLY B 148 -10.45 -7.55 29.59
N PHE B 149 -11.69 -7.87 29.23
CA PHE B 149 -12.17 -8.00 27.83
C PHE B 149 -13.28 -6.98 27.59
N MET B 150 -13.01 -5.96 26.78
CA MET B 150 -14.02 -4.97 26.34
C MET B 150 -14.66 -5.45 25.03
N THR B 151 -15.99 -5.50 24.97
CA THR B 151 -16.73 -6.11 23.84
C THR B 151 -16.78 -5.10 22.71
N ARG B 152 -16.85 -5.60 21.49
CA ARG B 152 -16.88 -4.76 20.27
C ARG B 152 -18.15 -3.91 20.28
N GLU B 153 -19.28 -4.57 20.58
CA GLU B 153 -20.60 -3.90 20.61
C GLU B 153 -20.60 -2.85 21.72
N PHE B 154 -19.92 -3.07 22.84
CA PHE B 154 -19.87 -2.00 23.87
C PHE B 154 -19.20 -0.76 23.28
N LEU B 155 -18.04 -0.95 22.65
CA LEU B 155 -17.27 0.17 22.06
C LEU B 155 -18.06 0.85 20.96
N LYS B 156 -18.76 0.07 20.12
CA LYS B 156 -19.57 0.57 18.97
C LYS B 156 -20.79 1.35 19.49
N SER B 157 -21.23 1.05 20.72
CA SER B 157 -22.41 1.65 21.42
C SER B 157 -22.06 3.01 22.03
N LEU B 158 -20.79 3.41 22.08
CA LEU B 158 -20.39 4.73 22.67
C LEU B 158 -20.93 5.82 21.73
N ARG B 159 -21.22 6.99 22.30
CA ARG B 159 -21.83 8.11 21.55
C ARG B 159 -20.83 8.54 20.48
N LYS B 160 -21.30 8.81 19.26
CA LYS B 160 -20.49 9.40 18.16
C LYS B 160 -19.74 10.61 18.72
N PRO B 161 -18.49 10.89 18.28
CA PRO B 161 -17.77 10.06 17.31
C PRO B 161 -16.96 8.90 17.91
N PHE B 162 -17.13 8.63 19.21
CA PHE B 162 -16.33 7.63 19.98
C PHE B 162 -16.78 6.23 19.57
N GLY B 163 -18.08 6.02 19.37
CA GLY B 163 -18.63 4.75 18.87
C GLY B 163 -17.86 4.22 17.66
N ASP B 164 -17.41 5.11 16.76
CA ASP B 164 -16.83 4.74 15.43
C ASP B 164 -15.30 4.57 15.50
N PHE B 165 -14.69 4.77 16.67
CA PHE B 165 -13.24 4.97 16.83
C PHE B 165 -12.45 3.67 16.66
N MET B 166 -12.91 2.59 17.31
CA MET B 166 -12.18 1.28 17.31
C MET B 166 -12.71 0.39 16.19
N GLU B 167 -13.92 0.61 15.71
CA GLU B 167 -14.58 -0.34 14.77
C GLU B 167 -13.68 -0.64 13.56
N PRO B 168 -12.97 0.32 12.92
CA PRO B 168 -12.11 0.00 11.78
C PRO B 168 -10.96 -0.95 12.13
N LYS B 169 -10.46 -0.84 13.38
CA LYS B 169 -9.35 -1.68 13.91
C LYS B 169 -9.83 -3.13 14.00
N PHE B 170 -11.04 -3.35 14.51
CA PHE B 170 -11.63 -4.70 14.56
C PHE B 170 -11.70 -5.26 13.13
N GLU B 171 -12.18 -4.46 12.17
CA GLU B 171 -12.38 -4.92 10.76
C GLU B 171 -11.02 -5.38 10.22
N PHE B 172 -9.97 -4.59 10.47
CA PHE B 172 -8.56 -4.86 10.07
C PHE B 172 -8.03 -6.09 10.82
N ALA B 173 -8.23 -6.13 12.15
CA ALA B 173 -7.79 -7.22 13.04
C ALA B 173 -8.33 -8.56 12.56
N VAL B 174 -9.62 -8.67 12.30
CA VAL B 174 -10.24 -9.99 11.93
C VAL B 174 -9.55 -10.53 10.67
N LYS B 175 -9.29 -9.67 9.68
CA LYS B 175 -8.66 -10.08 8.39
C LYS B 175 -7.17 -10.37 8.63
N PHE B 176 -6.49 -9.56 9.45
CA PHE B 176 -5.05 -9.72 9.74
C PHE B 176 -4.83 -11.04 10.47
N ASN B 177 -5.73 -11.35 11.41
CA ASN B 177 -5.60 -12.53 12.29
C ASN B 177 -5.78 -13.81 11.48
N ALA B 178 -6.47 -13.74 10.32
CA ALA B 178 -6.67 -14.86 9.38
C ALA B 178 -5.33 -15.32 8.80
N LEU B 179 -4.25 -14.52 8.90
CA LEU B 179 -2.90 -14.88 8.40
C LEU B 179 -2.22 -15.85 9.40
N GLU B 180 -2.77 -15.95 10.62
CA GLU B 180 -2.30 -16.88 11.69
C GLU B 180 -0.82 -16.66 11.97
N LEU B 181 -0.40 -15.40 12.03
CA LEU B 181 1.01 -15.07 12.34
C LEU B 181 1.24 -15.32 13.83
N ASP B 182 2.48 -15.62 14.21
CA ASP B 182 2.88 -15.81 15.62
C ASP B 182 3.84 -14.68 15.99
N ASP B 183 4.35 -14.69 17.24
CA ASP B 183 5.15 -13.59 17.83
C ASP B 183 6.50 -13.51 17.10
N SER B 184 7.09 -14.65 16.77
CA SER B 184 8.35 -14.75 15.99
C SER B 184 8.20 -14.01 14.64
N ASP B 185 7.09 -14.21 13.96
CA ASP B 185 6.77 -13.53 12.66
C ASP B 185 6.60 -12.02 12.89
N LEU B 186 5.77 -11.64 13.85
CA LEU B 186 5.39 -10.22 14.12
C LEU B 186 6.62 -9.42 14.51
N ALA B 187 7.55 -10.01 15.26
CA ALA B 187 8.78 -9.32 15.74
C ALA B 187 9.56 -8.82 14.53
N ILE B 188 9.52 -9.55 13.40
CA ILE B 188 10.34 -9.14 12.22
C ILE B 188 9.51 -8.13 11.45
N PHE B 189 8.20 -8.37 11.38
CA PHE B 189 7.26 -7.57 10.58
C PHE B 189 7.17 -6.16 11.17
N ILE B 190 7.16 -6.01 12.49
CA ILE B 190 7.08 -4.61 13.07
C ILE B 190 8.44 -3.94 12.85
N ALA B 191 9.53 -4.66 12.86
CA ALA B 191 10.86 -4.09 12.50
C ALA B 191 10.86 -3.56 11.04
N VAL B 192 10.32 -4.35 10.11
CA VAL B 192 10.16 -3.96 8.69
C VAL B 192 9.38 -2.63 8.60
N ILE B 193 8.22 -2.52 9.29
CA ILE B 193 7.37 -1.31 9.29
C ILE B 193 8.19 -0.09 9.72
N ILE B 194 8.94 -0.19 10.82
CA ILE B 194 9.78 0.91 11.40
C ILE B 194 10.80 1.38 10.35
N LEU B 195 11.48 0.46 9.65
CA LEU B 195 12.54 0.81 8.69
C LEU B 195 11.91 1.09 7.31
N SER B 196 10.83 1.87 7.26
CA SER B 196 10.10 2.27 6.03
C SER B 196 10.77 3.52 5.43
N GLY B 197 11.45 3.38 4.30
CA GLY B 197 12.26 4.45 3.64
C GLY B 197 11.39 5.53 3.02
N ASP B 198 10.07 5.35 3.00
CA ASP B 198 9.13 6.25 2.29
C ASP B 198 8.51 7.26 3.29
N ARG B 199 8.92 7.32 4.56
CA ARG B 199 8.28 8.29 5.49
C ARG B 199 8.63 9.71 5.05
N PRO B 200 7.66 10.65 5.10
CA PRO B 200 7.92 12.04 4.72
C PRO B 200 9.06 12.70 5.51
N GLY B 201 9.97 13.35 4.80
CA GLY B 201 11.03 14.17 5.42
C GLY B 201 12.26 13.41 5.83
N LEU B 202 12.41 12.12 5.51
CA LEU B 202 13.64 11.37 5.92
C LEU B 202 14.84 12.00 5.18
N LEU B 203 15.95 12.11 5.88
CA LEU B 203 17.22 12.74 5.43
C LEU B 203 18.02 11.73 4.61
N ASN B 204 18.19 10.51 5.10
CA ASN B 204 19.14 9.51 4.55
C ASN B 204 18.34 8.22 4.28
N VAL B 205 17.68 8.14 3.13
CA VAL B 205 16.75 7.00 2.84
C VAL B 205 17.60 5.74 2.64
N LYS B 206 18.78 5.83 2.02
CA LYS B 206 19.51 4.62 1.58
C LYS B 206 19.88 3.71 2.75
N PRO B 207 20.55 4.15 3.86
CA PRO B 207 20.82 3.23 4.96
C PRO B 207 19.53 2.66 5.59
N ILE B 208 18.42 3.39 5.53
CA ILE B 208 17.12 2.87 6.07
C ILE B 208 16.68 1.68 5.22
N GLU B 209 16.73 1.83 3.88
CA GLU B 209 16.25 0.79 2.95
C GLU B 209 17.18 -0.41 3.01
N ASP B 210 18.46 -0.17 3.30
CA ASP B 210 19.53 -1.21 3.42
C ASP B 210 19.17 -2.10 4.62
N ILE B 211 18.87 -1.50 5.76
CA ILE B 211 18.41 -2.24 6.97
C ILE B 211 17.07 -2.93 6.64
N GLN B 212 16.12 -2.24 6.00
CA GLN B 212 14.81 -2.85 5.68
C GLN B 212 15.03 -4.09 4.79
N ASP B 213 15.98 -4.05 3.85
CA ASP B 213 16.24 -5.16 2.89
C ASP B 213 16.64 -6.41 3.71
N ASN B 214 17.47 -6.21 4.71
CA ASN B 214 17.99 -7.30 5.58
C ASN B 214 16.85 -7.88 6.43
N LEU B 215 15.96 -7.03 6.93
CA LEU B 215 14.78 -7.45 7.73
C LEU B 215 13.78 -8.17 6.83
N LEU B 216 13.59 -7.69 5.60
CA LEU B 216 12.70 -8.36 4.62
C LEU B 216 13.22 -9.76 4.33
N GLN B 217 14.52 -9.92 4.13
CA GLN B 217 15.15 -11.23 3.85
C GLN B 217 14.87 -12.17 5.03
N ALA B 218 15.03 -11.64 6.23
CA ALA B 218 14.86 -12.40 7.50
C ALA B 218 13.39 -12.77 7.62
N LEU B 219 12.46 -11.91 7.18
CA LEU B 219 11.00 -12.19 7.27
C LEU B 219 10.60 -13.23 6.22
N GLU B 220 11.10 -13.08 4.97
CA GLU B 220 10.80 -14.05 3.88
C GLU B 220 11.21 -15.45 4.35
N LEU B 221 12.38 -15.56 4.95
CA LEU B 221 12.94 -16.87 5.38
C LEU B 221 12.13 -17.40 6.57
N GLN B 222 11.71 -16.53 7.48
CA GLN B 222 10.84 -16.87 8.63
C GLN B 222 9.49 -17.45 8.17
N LEU B 223 8.80 -16.81 7.23
CA LEU B 223 7.45 -17.26 6.80
C LEU B 223 7.55 -18.57 5.98
N LYS B 224 8.65 -18.81 5.26
CA LYS B 224 8.89 -20.04 4.47
C LYS B 224 9.06 -21.20 5.45
N LEU B 225 9.85 -20.99 6.50
CA LEU B 225 10.19 -22.05 7.50
C LEU B 225 9.02 -22.28 8.47
N ASN B 226 8.43 -21.21 9.01
CA ASN B 226 7.35 -21.26 10.03
C ASN B 226 5.99 -21.54 9.39
N HIS B 227 5.78 -21.23 8.10
CA HIS B 227 4.45 -21.40 7.43
C HIS B 227 4.63 -22.01 6.06
N PRO B 228 5.21 -23.22 5.96
CA PRO B 228 5.61 -23.74 4.66
C PRO B 228 4.41 -24.01 3.74
N GLU B 229 3.20 -24.18 4.30
CA GLU B 229 1.96 -24.53 3.55
C GLU B 229 1.17 -23.27 3.19
N SER B 230 1.60 -22.08 3.63
CA SER B 230 0.87 -20.81 3.47
C SER B 230 1.36 -20.09 2.22
N SER B 231 0.65 -20.29 1.11
CA SER B 231 1.00 -19.85 -0.27
C SER B 231 1.14 -18.32 -0.26
N GLN B 232 2.35 -17.80 -0.52
CA GLN B 232 2.59 -16.36 -0.76
C GLN B 232 2.20 -15.54 0.48
N LEU B 233 2.37 -16.15 1.67
CA LEU B 233 2.14 -15.45 2.96
C LEU B 233 2.98 -14.17 3.03
N PHE B 234 4.25 -14.19 2.62
CA PHE B 234 5.13 -13.00 2.60
C PHE B 234 4.46 -11.85 1.83
N ALA B 235 3.89 -12.11 0.64
CA ALA B 235 3.22 -11.07 -0.19
C ALA B 235 1.91 -10.62 0.46
N LYS B 236 1.08 -11.56 0.92
CA LYS B 236 -0.18 -11.25 1.63
C LYS B 236 0.12 -10.38 2.86
N LEU B 237 1.17 -10.70 3.61
CA LEU B 237 1.54 -9.91 4.82
C LEU B 237 1.96 -8.50 4.39
N LEU B 238 2.84 -8.38 3.40
CA LEU B 238 3.32 -7.06 2.93
C LEU B 238 2.16 -6.23 2.44
N GLN B 239 1.17 -6.84 1.77
CA GLN B 239 -0.01 -6.14 1.21
C GLN B 239 -0.81 -5.51 2.37
N LYS B 240 -0.76 -6.08 3.58
CA LYS B 240 -1.50 -5.51 4.74
C LYS B 240 -0.94 -4.13 5.10
N MET B 241 0.26 -3.76 4.63
CA MET B 241 0.86 -2.42 4.91
C MET B 241 -0.02 -1.32 4.29
N THR B 242 -0.74 -1.64 3.19
CA THR B 242 -1.76 -0.77 2.55
C THR B 242 -2.97 -0.60 3.47
N ASP B 243 -3.45 -1.70 4.05
CA ASP B 243 -4.63 -1.64 4.96
C ASP B 243 -4.23 -0.84 6.21
N LEU B 244 -3.01 -1.02 6.73
CA LEU B 244 -2.51 -0.28 7.93
C LEU B 244 -2.38 1.22 7.63
N ARG B 245 -1.83 1.60 6.46
CA ARG B 245 -1.75 3.03 6.05
C ARG B 245 -3.14 3.66 6.13
N GLN B 246 -4.13 2.98 5.55
CA GLN B 246 -5.54 3.44 5.44
C GLN B 246 -6.15 3.56 6.85
N ILE B 247 -5.92 2.56 7.72
CA ILE B 247 -6.39 2.59 9.14
C ILE B 247 -5.82 3.85 9.83
N VAL B 248 -4.53 4.10 9.66
CA VAL B 248 -3.84 5.23 10.34
C VAL B 248 -4.37 6.54 9.72
N THR B 249 -4.63 6.56 8.41
CA THR B 249 -5.17 7.78 7.75
C THR B 249 -6.48 8.16 8.43
N GLU B 250 -7.44 7.24 8.48
CA GLU B 250 -8.79 7.55 9.02
C GLU B 250 -8.73 7.74 10.54
N HIS B 251 -7.77 7.12 11.22
CA HIS B 251 -7.51 7.34 12.68
C HIS B 251 -7.11 8.81 12.93
N VAL B 252 -6.10 9.32 12.22
CA VAL B 252 -5.58 10.71 12.32
C VAL B 252 -6.71 11.70 12.01
N GLN B 253 -7.59 11.34 11.06
CA GLN B 253 -8.83 12.07 10.73
C GLN B 253 -9.68 12.21 11.99
N LEU B 254 -10.08 11.08 12.60
CA LEU B 254 -10.92 11.06 13.83
C LEU B 254 -10.25 11.86 14.96
N LEU B 255 -8.95 11.69 15.19
CA LEU B 255 -8.18 12.45 16.22
C LEU B 255 -8.33 13.95 15.96
N GLN B 256 -8.40 14.38 14.69
CA GLN B 256 -8.52 15.81 14.29
C GLN B 256 -9.92 16.32 14.65
N VAL B 257 -10.95 15.51 14.37
CA VAL B 257 -12.38 15.80 14.70
C VAL B 257 -12.50 16.01 16.23
N ILE B 258 -12.02 15.03 17.00
CA ILE B 258 -12.12 14.97 18.49
C ILE B 258 -11.34 16.15 19.10
N LYS B 259 -10.16 16.46 18.57
CA LYS B 259 -9.30 17.61 18.99
C LYS B 259 -10.11 18.92 18.87
N LYS B 260 -10.85 19.07 17.78
CA LYS B 260 -11.50 20.34 17.38
C LYS B 260 -12.93 20.44 17.92
N THR B 261 -13.51 19.36 18.47
CA THR B 261 -14.96 19.31 18.86
C THR B 261 -15.21 18.61 20.20
N GLU B 262 -14.17 18.21 20.93
CA GLU B 262 -14.28 17.38 22.17
C GLU B 262 -13.12 17.69 23.10
N MET C 6 -19.63 6.12 -12.26
CA MET C 6 -20.80 6.16 -13.18
C MET C 6 -20.31 6.23 -14.63
N GLY C 7 -19.50 7.25 -14.97
CA GLY C 7 -18.93 7.46 -16.31
C GLY C 7 -17.87 6.42 -16.59
N LEU C 8 -17.00 6.22 -15.60
CA LEU C 8 -15.91 5.21 -15.63
C LEU C 8 -16.51 3.82 -15.84
N GLU C 9 -17.60 3.50 -15.13
CA GLU C 9 -18.22 2.16 -15.16
C GLU C 9 -18.81 1.89 -16.54
N ALA C 10 -19.53 2.88 -17.10
CA ALA C 10 -20.05 2.85 -18.49
C ALA C 10 -18.93 2.42 -19.47
N ILE C 11 -17.77 3.08 -19.40
CA ILE C 11 -16.69 2.84 -20.39
C ILE C 11 -16.18 1.41 -20.20
N ILE C 12 -15.97 1.00 -18.95
CA ILE C 12 -15.49 -0.37 -18.61
C ILE C 12 -16.47 -1.40 -19.15
N ARG C 13 -17.78 -1.25 -18.89
CA ARG C 13 -18.79 -2.27 -19.27
C ARG C 13 -18.80 -2.40 -20.79
N LYS C 14 -18.75 -1.27 -21.51
CA LYS C 14 -18.77 -1.28 -23.00
C LYS C 14 -17.55 -2.06 -23.50
N ALA C 15 -16.37 -1.80 -22.93
CA ALA C 15 -15.06 -2.31 -23.38
C ALA C 15 -14.94 -3.83 -23.11
N LEU C 16 -15.63 -4.32 -22.08
CA LEU C 16 -15.64 -5.77 -21.74
C LEU C 16 -16.51 -6.53 -22.76
N MET C 17 -17.49 -5.85 -23.37
CA MET C 17 -18.38 -6.42 -24.44
C MET C 17 -17.75 -6.16 -25.80
N MET D 6 4.09 15.30 17.04
CA MET D 6 4.12 16.71 17.57
C MET D 6 4.52 16.68 19.06
N GLY D 7 3.66 16.20 19.96
CA GLY D 7 4.01 15.78 21.35
C GLY D 7 4.29 14.28 21.38
N LEU D 8 3.76 13.57 20.39
CA LEU D 8 4.25 12.24 19.94
C LEU D 8 5.77 12.31 19.78
N GLU D 9 6.27 13.35 19.11
CA GLU D 9 7.72 13.52 18.83
C GLU D 9 8.49 13.63 20.15
N ALA D 10 8.00 14.40 21.13
CA ALA D 10 8.67 14.58 22.44
C ALA D 10 8.73 13.24 23.19
N ILE D 11 7.66 12.45 23.12
CA ILE D 11 7.56 11.12 23.80
C ILE D 11 8.65 10.21 23.23
N ILE D 12 8.83 10.27 21.91
CA ILE D 12 9.81 9.42 21.18
C ILE D 12 11.23 9.85 21.54
N ARG D 13 11.54 11.15 21.49
CA ARG D 13 12.91 11.65 21.81
C ARG D 13 13.31 11.26 23.25
N LYS D 14 12.40 11.40 24.22
CA LYS D 14 12.67 11.05 25.63
C LYS D 14 12.92 9.53 25.73
N ALA D 15 12.16 8.71 25.02
CA ALA D 15 12.28 7.24 25.09
C ALA D 15 13.56 6.78 24.40
N LEU D 16 14.00 7.50 23.34
CA LEU D 16 15.25 7.20 22.59
C LEU D 16 16.49 7.46 23.46
N MET D 17 16.42 8.44 24.37
CA MET D 17 17.52 8.77 25.32
C MET D 17 17.69 7.64 26.34
N GLY D 18 16.59 7.17 26.93
CA GLY D 18 16.55 6.01 27.85
C GLY D 18 17.07 6.36 29.23
#